data_8GKH
#
_entry.id   8GKH
#
loop_
_entity.id
_entity.type
_entity.pdbx_description
1 polymer "DNA (5'-D(P*CP*GP*GP*TP*AP*CP*CP*CP*GP*GP*GP*CP*AP*TP*A)-3')"
2 polymer 'Maltodextrin-binding protein (Fragment),OrfB_Zn_ribbon domain-containing protein'
3 polymer 'DNA (35-MER)'
4 polymer 'RNA (78-MER)'
5 non-polymer 'MAGNESIUM ION'
6 non-polymer 'ZINC ION'
7 water water
#
loop_
_entity_poly.entity_id
_entity_poly.type
_entity_poly.pdbx_seq_one_letter_code
_entity_poly.pdbx_strand_id
1 'polydeoxyribonucleotide' (DC)(DG)(DG)(DT)(DA)(DC)(DC)(DC)(DG)(DG)(DG)(DC)(DA)(DT)(DA) N
2 'polypeptide(L)'
;MKSSHHHHHHHHHHGSSMKIEEGKLVIWINGDKGYNGLAEVGKKFEKDTGIKVTVEHPDKLEEKFPQVAATGDGPDIIFW
AHDRFGGYAQSGLLAEITPDKAFQDKLYPFTWDAVRYNGKLIAYPIAVEALSLIYNKDLLPNPPKTWEEIPALDKELKAK
GKSALMFNLQEPYFTWPLIAADGGYAFKYENGKYDIKDVGVDNAGAKAGLTFLVDLIKNKHMNADTDYSIAEAAFNKGET
AMTINGPWAWSNIDTSKVNYGVTVLPTFKGQPSKPFVGVLSAGINAASPNKELAKEFLENYLLTDEGLEAVNKDKPLGAV
ALKSYEEELAKDPRIAATMENAQKGEIMPNIPQMSAFWYAVRTAVINAASGRQTVDEALKDAQTGSENLYFQSNAPPKKK
QKLERLKKLDKPTLHTCNKTSFAKAFLPNETYRQRLLDYIAIIHQLADHASHALKFYILSTSTSSFPVVHEDTIEAILYL
LNKGEAWHPRKEAKKAWRDCLLPYVQRYCQIVGFIHPNLRGEQQSINYLTVSMMTNLKVNVQEHFMQMLLRYINLRFDVK
GQKQRLPPKSDARKAFFTRLRYLKSVFLFDVVPELEFLDDLTPLESEVLEEIWSLDLPFLPNDPLAYAIVADPMSFFPAY
CKLSGLYEQYGFQRFSAIPLRRSLIQSHVRIDTIILYQHILCITRRDAETVEKDDLWMRVCNLCTKAFRSRCGMHFEGSI
TTDGASVSVYLKHPEADKYGKRGARKSANTVAAEVKALYVENNLPACRAAENVVVIDPNKRDILYCQDSNGTTFRYTANQ
RAVETGSRRFAKRREAMKEEAGVDLIESRIPSHKTMNLMDFTRYLLVRRADWDRRKEFYSHPAHTRWKWHSFINRQKSES
DLISNMRNKYGENFTVVMGDWSDAGRTARFQTSSKTKGWRTLFKRNRIDCFLLDEYKTSSVCPRCSSSEFVEKKFKTRPH
SRPWRRREGKIEKVHGLLGCTNPNCLQQAWTSGMRYWNRDMLSTCNMLLIVRSMLDGHGRPEVFSRSVPAVA
;
P
3 'polydeoxyribonucleotide'
;(DT)(DT)(DG)(DA)(DT)(DT)(DT)(DC)(DA)(DT)(DA)(DA)(DC)(DC)(DT)(DA)(DT)(DA)(DG)(DA)
(DT)(DA)(DT)(DG)(DC)(DC)(DC)(DG)(DG)(DG)(DT)(DA)(DC)(DC)(DG)
;
T
4 'polyribonucleotide' UCCGAGCCGGUAGUCGCGCGGUUCAAUCCCUGGUGCGGGUGCUAGUGCACCGGCUCCGCACUAUCUAUAGGUUAUGAA W
#
# COMPACT_ATOMS: atom_id res chain seq x y z
N PRO B 412 -17.80 -7.13 -6.44
CA PRO B 412 -18.40 -6.53 -7.63
C PRO B 412 -18.01 -5.07 -7.82
N THR B 413 -18.04 -4.60 -9.07
CA THR B 413 -17.65 -3.23 -9.38
C THR B 413 -18.89 -2.32 -9.29
N LEU B 414 -19.28 -2.05 -8.04
CA LEU B 414 -20.40 -1.15 -7.78
C LEU B 414 -20.01 0.32 -7.91
N HIS B 415 -18.73 0.64 -7.86
CA HIS B 415 -18.26 2.01 -7.93
C HIS B 415 -17.09 2.12 -8.91
N THR B 416 -17.00 3.28 -9.56
CA THR B 416 -15.87 3.60 -10.41
C THR B 416 -15.66 5.11 -10.37
N CYS B 417 -14.45 5.52 -10.72
CA CYS B 417 -14.08 6.93 -10.67
C CYS B 417 -13.39 7.34 -11.97
N ASN B 418 -13.74 8.51 -12.46
CA ASN B 418 -13.09 9.13 -13.62
C ASN B 418 -12.41 10.40 -13.12
N LYS B 419 -11.10 10.30 -12.88
CA LYS B 419 -10.35 11.42 -12.31
C LYS B 419 -10.04 12.42 -13.42
N THR B 420 -10.55 13.64 -13.26
CA THR B 420 -10.37 14.71 -14.23
C THR B 420 -9.80 15.94 -13.52
N SER B 421 -9.37 16.91 -14.32
CA SER B 421 -8.77 18.11 -13.78
C SER B 421 -9.82 19.00 -13.12
N PHE B 422 -9.35 19.82 -12.17
CA PHE B 422 -10.25 20.73 -11.47
C PHE B 422 -10.87 21.74 -12.42
N ALA B 423 -10.07 22.27 -13.35
CA ALA B 423 -10.58 23.28 -14.27
C ALA B 423 -11.69 22.73 -15.15
N LYS B 424 -11.52 21.51 -15.67
CA LYS B 424 -12.51 20.92 -16.56
C LYS B 424 -13.69 20.30 -15.82
N ALA B 425 -13.59 20.13 -14.50
CA ALA B 425 -14.69 19.51 -13.76
C ALA B 425 -15.76 20.53 -13.39
N PHE B 426 -15.35 21.68 -12.87
CA PHE B 426 -16.27 22.70 -12.40
C PHE B 426 -16.36 23.85 -13.41
N LEU B 427 -17.51 24.52 -13.39
CA LEU B 427 -17.70 25.68 -14.24
C LEU B 427 -16.82 26.84 -13.77
N PRO B 428 -16.49 27.77 -14.67
CA PRO B 428 -15.60 28.88 -14.28
C PRO B 428 -16.26 29.87 -13.34
N ASN B 429 -16.60 29.41 -12.14
CA ASN B 429 -17.18 30.24 -11.09
C ASN B 429 -16.19 30.28 -9.93
N GLU B 430 -15.60 31.45 -9.68
CA GLU B 430 -14.57 31.55 -8.65
C GLU B 430 -15.14 31.34 -7.26
N THR B 431 -16.39 31.76 -7.02
CA THR B 431 -16.96 31.65 -5.69
C THR B 431 -17.04 30.19 -5.24
N TYR B 432 -17.59 29.33 -6.09
CA TYR B 432 -17.73 27.92 -5.74
C TYR B 432 -16.37 27.27 -5.54
N ARG B 433 -15.41 27.57 -6.41
CA ARG B 433 -14.09 26.97 -6.28
C ARG B 433 -13.42 27.40 -4.98
N GLN B 434 -13.49 28.68 -4.64
CA GLN B 434 -12.90 29.14 -3.39
C GLN B 434 -13.59 28.50 -2.20
N ARG B 435 -14.92 28.39 -2.25
CA ARG B 435 -15.65 27.80 -1.13
C ARG B 435 -15.25 26.34 -0.93
N LEU B 436 -15.16 25.57 -2.01
CA LEU B 436 -14.81 24.16 -1.87
C LEU B 436 -13.37 24.01 -1.42
N LEU B 437 -12.46 24.85 -1.91
CA LEU B 437 -11.07 24.80 -1.45
C LEU B 437 -10.98 25.08 0.04
N ASP B 438 -11.68 26.12 0.51
CA ASP B 438 -11.66 26.42 1.94
C ASP B 438 -12.24 25.27 2.75
N TYR B 439 -13.35 24.69 2.27
CA TYR B 439 -13.98 23.59 3.00
C TYR B 439 -13.05 22.40 3.11
N ILE B 440 -12.40 22.02 2.00
CA ILE B 440 -11.52 20.86 2.04
C ILE B 440 -10.31 21.13 2.94
N ALA B 441 -9.79 22.36 2.90
CA ALA B 441 -8.68 22.69 3.80
C ALA B 441 -9.09 22.55 5.26
N ILE B 442 -10.28 23.08 5.60
CA ILE B 442 -10.75 23.00 6.98
C ILE B 442 -10.94 21.54 7.40
N ILE B 443 -11.51 20.72 6.51
CA ILE B 443 -11.75 19.32 6.85
C ILE B 443 -10.43 18.57 7.02
N HIS B 444 -9.45 18.87 6.18
CA HIS B 444 -8.13 18.24 6.33
C HIS B 444 -7.51 18.62 7.67
N GLN B 445 -7.58 19.90 8.04
CA GLN B 445 -7.05 20.32 9.33
C GLN B 445 -7.77 19.61 10.47
N LEU B 446 -9.10 19.51 10.38
CA LEU B 446 -9.87 18.85 11.42
C LEU B 446 -9.46 17.38 11.55
N ALA B 447 -9.29 16.69 10.42
CA ALA B 447 -8.92 15.27 10.47
C ALA B 447 -7.54 15.10 11.09
N ASP B 448 -6.57 15.93 10.68
CA ASP B 448 -5.23 15.82 11.23
C ASP B 448 -5.23 16.05 12.74
N HIS B 449 -5.86 17.15 13.17
CA HIS B 449 -5.88 17.47 14.59
C HIS B 449 -6.69 16.45 15.38
N ALA B 450 -7.69 15.83 14.76
CA ALA B 450 -8.47 14.80 15.46
C ALA B 450 -7.65 13.54 15.66
N SER B 451 -6.88 13.13 14.65
CA SER B 451 -5.98 11.99 14.83
C SER B 451 -4.96 12.29 15.93
N HIS B 452 -4.38 13.49 15.91
CA HIS B 452 -3.40 13.84 16.94
C HIS B 452 -4.04 13.89 18.32
N ALA B 453 -5.27 14.40 18.42
CA ALA B 453 -5.95 14.45 19.71
C ALA B 453 -6.30 13.06 20.22
N LEU B 454 -6.68 12.15 19.31
CA LEU B 454 -6.92 10.77 19.72
C LEU B 454 -5.65 10.15 20.27
N LYS B 455 -4.52 10.36 19.57
CA LYS B 455 -3.26 9.83 20.09
C LYS B 455 -2.93 10.44 21.45
N PHE B 456 -3.14 11.75 21.60
CA PHE B 456 -2.83 12.42 22.86
C PHE B 456 -3.69 11.85 23.99
N TYR B 457 -4.99 11.66 23.74
CA TYR B 457 -5.87 11.11 24.76
C TYR B 457 -5.47 9.68 25.12
N ILE B 458 -5.14 8.85 24.12
CA ILE B 458 -4.75 7.48 24.40
C ILE B 458 -3.48 7.45 25.24
N LEU B 459 -2.50 8.29 24.90
CA LEU B 459 -1.25 8.30 25.65
C LEU B 459 -1.45 8.86 27.06
N SER B 460 -2.33 9.84 27.22
CA SER B 460 -2.54 10.42 28.54
C SER B 460 -3.30 9.45 29.45
N THR B 461 -4.28 8.74 28.90
CA THR B 461 -5.05 7.78 29.69
C THR B 461 -4.36 6.43 29.81
N SER B 462 -3.22 6.22 29.14
CA SER B 462 -2.50 4.96 29.24
C SER B 462 -1.86 4.77 30.60
N THR B 463 -1.81 5.80 31.45
CA THR B 463 -1.21 5.67 32.76
C THR B 463 -1.93 4.63 33.62
N SER B 464 -3.23 4.44 33.39
CA SER B 464 -4.03 3.49 34.16
C SER B 464 -4.49 2.32 33.29
N SER B 465 -5.18 2.59 32.18
CA SER B 465 -5.64 1.54 31.29
C SER B 465 -5.90 2.14 29.92
N PHE B 466 -5.87 1.28 28.91
CA PHE B 466 -6.12 1.72 27.55
C PHE B 466 -7.62 1.86 27.32
N PRO B 467 -8.13 3.05 26.98
CA PRO B 467 -9.56 3.19 26.73
C PRO B 467 -9.97 2.45 25.46
N VAL B 468 -11.22 2.00 25.45
CA VAL B 468 -11.77 1.29 24.29
C VAL B 468 -12.20 2.33 23.26
N VAL B 469 -11.59 2.28 22.08
CA VAL B 469 -11.84 3.25 21.03
C VAL B 469 -12.94 2.72 20.12
N HIS B 470 -14.00 3.51 19.95
CA HIS B 470 -15.11 3.18 19.08
C HIS B 470 -15.41 4.36 18.17
N GLU B 471 -16.37 4.19 17.27
CA GLU B 471 -16.79 5.29 16.41
C GLU B 471 -17.21 6.49 17.25
N ASP B 472 -17.91 6.26 18.35
CA ASP B 472 -18.36 7.34 19.20
C ASP B 472 -17.18 8.13 19.76
N THR B 473 -16.10 7.44 20.11
CA THR B 473 -14.94 8.13 20.68
C THR B 473 -14.35 9.14 19.69
N ILE B 474 -14.09 8.69 18.46
CA ILE B 474 -13.50 9.58 17.47
C ILE B 474 -14.48 10.68 17.09
N GLU B 475 -15.77 10.35 16.99
CA GLU B 475 -16.76 11.37 16.67
C GLU B 475 -16.79 12.45 17.75
N ALA B 476 -16.76 12.03 19.02
CA ALA B 476 -16.76 12.99 20.12
C ALA B 476 -15.50 13.84 20.12
N ILE B 477 -14.35 13.22 19.83
CA ILE B 477 -13.11 13.99 19.76
C ILE B 477 -13.20 15.06 18.67
N LEU B 478 -13.69 14.67 17.50
CA LEU B 478 -13.82 15.62 16.40
C LEU B 478 -14.77 16.75 16.76
N TYR B 479 -15.92 16.42 17.35
CA TYR B 479 -16.90 17.44 17.70
C TYR B 479 -16.35 18.37 18.77
N LEU B 480 -15.63 17.83 19.76
CA LEU B 480 -15.04 18.68 20.79
C LEU B 480 -14.00 19.62 20.19
N LEU B 481 -13.16 19.10 19.29
CA LEU B 481 -12.18 19.98 18.65
C LEU B 481 -12.85 21.07 17.85
N ASN B 482 -13.91 20.73 17.11
CA ASN B 482 -14.55 21.72 16.25
C ASN B 482 -15.28 22.78 17.07
N LYS B 483 -16.09 22.34 18.05
CA LYS B 483 -16.97 23.23 18.79
C LYS B 483 -16.63 23.36 20.27
N GLY B 484 -15.86 22.43 20.83
CA GLY B 484 -15.62 22.44 22.26
C GLY B 484 -16.82 21.95 23.04
N GLU B 485 -17.12 22.61 24.16
CA GLU B 485 -18.27 22.22 24.97
C GLU B 485 -19.60 22.54 24.30
N ALA B 486 -19.60 23.31 23.22
CA ALA B 486 -20.85 23.69 22.56
C ALA B 486 -21.55 22.50 21.91
N TRP B 487 -20.87 21.37 21.74
CA TRP B 487 -21.51 20.18 21.20
C TRP B 487 -22.44 19.58 22.24
N HIS B 488 -23.67 19.27 21.84
CA HIS B 488 -24.71 18.78 22.74
C HIS B 488 -25.30 17.49 22.19
N PRO B 489 -24.59 16.37 22.35
CA PRO B 489 -25.14 15.10 21.88
C PRO B 489 -26.42 14.74 22.62
N ARG B 490 -27.35 14.11 21.90
CA ARG B 490 -28.64 13.75 22.44
C ARG B 490 -28.72 12.29 22.87
N LYS B 491 -27.62 11.54 22.76
CA LYS B 491 -27.60 10.13 23.13
C LYS B 491 -26.68 9.91 24.33
N GLU B 492 -27.02 8.92 25.15
CA GLU B 492 -26.28 8.68 26.39
C GLU B 492 -24.83 8.31 26.10
N ALA B 493 -24.59 7.45 25.11
CA ALA B 493 -23.22 7.02 24.82
C ALA B 493 -22.36 8.19 24.37
N LYS B 494 -22.86 8.98 23.41
CA LYS B 494 -22.11 10.12 22.93
C LYS B 494 -21.92 11.16 24.02
N LYS B 495 -22.94 11.36 24.87
CA LYS B 495 -22.82 12.31 25.96
C LYS B 495 -21.73 11.87 26.94
N ALA B 496 -21.71 10.58 27.28
CA ALA B 496 -20.67 10.08 28.18
C ALA B 496 -19.29 10.21 27.56
N TRP B 497 -19.17 9.92 26.26
CA TRP B 497 -17.88 10.08 25.60
C TRP B 497 -17.43 11.54 25.60
N ARG B 498 -18.36 12.46 25.36
CA ARG B 498 -18.02 13.88 25.41
C ARG B 498 -17.55 14.27 26.81
N ASP B 499 -18.26 13.82 27.84
CA ASP B 499 -17.88 14.16 29.20
C ASP B 499 -16.50 13.61 29.54
N CYS B 500 -16.21 12.39 29.08
CA CYS B 500 -14.93 11.77 29.40
C CYS B 500 -13.78 12.42 28.64
N LEU B 501 -14.02 12.82 27.39
CA LEU B 501 -12.95 13.33 26.53
C LEU B 501 -12.74 14.83 26.64
N LEU B 502 -13.70 15.55 27.23
CA LEU B 502 -13.60 17.01 27.27
C LEU B 502 -12.34 17.52 27.97
N PRO B 503 -11.94 16.99 29.13
CA PRO B 503 -10.88 17.67 29.91
C PRO B 503 -9.59 17.91 29.15
N TYR B 504 -9.14 16.95 28.34
CA TYR B 504 -7.84 17.05 27.70
C TYR B 504 -7.87 17.71 26.33
N VAL B 505 -9.05 17.92 25.74
CA VAL B 505 -9.11 18.51 24.41
C VAL B 505 -8.57 19.93 24.44
N GLN B 506 -9.04 20.74 25.39
CA GLN B 506 -8.56 22.12 25.49
C GLN B 506 -7.08 22.17 25.82
N ARG B 507 -6.62 21.27 26.70
CA ARG B 507 -5.20 21.24 27.03
C ARG B 507 -4.34 20.94 25.81
N TYR B 508 -4.74 19.94 25.02
CA TYR B 508 -4.01 19.62 23.80
C TYR B 508 -4.05 20.78 22.82
N CYS B 509 -5.20 21.43 22.67
CA CYS B 509 -5.30 22.56 21.75
C CYS B 509 -4.35 23.68 22.18
N GLN B 510 -4.31 23.98 23.47
CA GLN B 510 -3.41 25.01 23.97
C GLN B 510 -1.95 24.62 23.74
N ILE B 511 -1.63 23.34 23.96
CA ILE B 511 -0.25 22.88 23.75
C ILE B 511 0.15 23.08 22.29
N VAL B 512 -0.74 22.70 21.35
CA VAL B 512 -0.46 22.86 19.93
C VAL B 512 -1.02 24.17 19.38
N GLY B 513 -1.61 25.02 20.22
CA GLY B 513 -2.16 26.28 19.74
C GLY B 513 -3.25 26.10 18.72
N PHE B 514 -4.12 25.10 18.92
CA PHE B 514 -5.20 24.82 17.98
C PHE B 514 -6.39 25.73 18.29
N ILE B 515 -6.68 26.65 17.38
CA ILE B 515 -7.83 27.53 17.51
C ILE B 515 -9.07 26.78 17.04
N HIS B 516 -10.10 26.77 17.88
CA HIS B 516 -11.32 26.04 17.56
C HIS B 516 -11.94 26.60 16.28
N PRO B 517 -12.18 25.78 15.26
CA PRO B 517 -12.76 26.31 14.01
C PRO B 517 -14.25 26.57 14.11
N ASN B 518 -14.96 25.75 14.88
CA ASN B 518 -16.40 25.88 15.04
C ASN B 518 -17.11 25.85 13.69
N LEU B 519 -16.69 24.93 12.83
CA LEU B 519 -17.27 24.82 11.50
C LEU B 519 -18.75 24.47 11.59
N ARG B 520 -19.55 25.12 10.76
CA ARG B 520 -20.98 24.85 10.68
C ARG B 520 -21.26 23.81 9.60
N GLY B 521 -22.33 23.04 9.81
CA GLY B 521 -22.70 22.01 8.85
C GLY B 521 -21.60 20.98 8.66
N GLU B 522 -21.03 20.50 9.75
CA GLU B 522 -19.92 19.56 9.73
C GLU B 522 -20.38 18.11 9.76
N GLN B 523 -21.69 17.85 9.81
CA GLN B 523 -22.20 16.50 9.99
C GLN B 523 -21.54 15.52 9.02
N GLN B 524 -21.67 15.78 7.72
CA GLN B 524 -21.17 14.85 6.73
C GLN B 524 -19.67 14.66 6.85
N SER B 525 -18.92 15.76 6.98
CA SER B 525 -17.47 15.67 7.03
C SER B 525 -17.01 14.93 8.29
N ILE B 526 -17.63 15.23 9.43
CA ILE B 526 -17.24 14.56 10.67
C ILE B 526 -17.54 13.06 10.57
N ASN B 527 -18.69 12.71 10.01
CA ASN B 527 -19.01 11.30 9.83
C ASN B 527 -17.98 10.61 8.94
N TYR B 528 -17.64 11.24 7.83
CA TYR B 528 -16.65 10.65 6.92
C TYR B 528 -15.31 10.47 7.61
N LEU B 529 -14.86 11.49 8.34
CA LEU B 529 -13.56 11.42 9.00
C LEU B 529 -13.56 10.35 10.08
N THR B 530 -14.62 10.25 10.88
CA THR B 530 -14.69 9.22 11.89
C THR B 530 -14.65 7.83 11.27
N VAL B 531 -15.41 7.63 10.19
CA VAL B 531 -15.42 6.33 9.52
C VAL B 531 -14.02 6.01 8.98
N SER B 532 -13.37 7.00 8.37
CA SER B 532 -12.04 6.76 7.81
C SER B 532 -11.02 6.44 8.89
N MET B 533 -11.09 7.13 10.04
CA MET B 533 -10.14 6.86 11.11
C MET B 533 -10.36 5.47 11.70
N MET B 534 -11.62 5.08 11.90
CA MET B 534 -11.89 3.72 12.37
C MET B 534 -11.42 2.69 11.36
N THR B 535 -11.59 2.99 10.07
CA THR B 535 -11.11 2.10 9.02
C THR B 535 -9.59 1.93 9.12
N ASN B 536 -8.87 3.03 9.30
CA ASN B 536 -7.42 2.95 9.42
C ASN B 536 -7.02 2.12 10.62
N LEU B 537 -7.69 2.33 11.76
CA LEU B 537 -7.39 1.54 12.95
C LEU B 537 -7.59 0.05 12.68
N LYS B 538 -8.76 -0.31 12.12
CA LYS B 538 -9.04 -1.71 11.87
C LYS B 538 -8.05 -2.32 10.89
N VAL B 539 -7.71 -1.57 9.83
CA VAL B 539 -6.79 -2.08 8.83
C VAL B 539 -5.42 -2.34 9.45
N ASN B 540 -4.93 -1.39 10.25
CA ASN B 540 -3.63 -1.58 10.88
C ASN B 540 -3.66 -2.79 11.79
N VAL B 541 -4.70 -2.92 12.62
CA VAL B 541 -4.78 -4.03 13.55
C VAL B 541 -4.79 -5.36 12.81
N GLN B 542 -5.60 -5.45 11.75
CA GLN B 542 -5.70 -6.69 11.00
C GLN B 542 -4.38 -7.03 10.32
N GLU B 543 -3.77 -6.04 9.64
CA GLU B 543 -2.61 -6.32 8.80
C GLU B 543 -1.38 -6.65 9.64
N HIS B 544 -1.09 -5.84 10.66
CA HIS B 544 0.21 -5.88 11.31
C HIS B 544 0.13 -6.30 12.77
N PHE B 545 -0.87 -7.09 13.15
CA PHE B 545 -0.89 -7.67 14.48
C PHE B 545 -0.17 -9.02 14.50
N MET B 546 -0.65 -9.98 13.69
CA MET B 546 0.01 -11.28 13.62
C MET B 546 1.44 -11.15 13.14
N GLN B 547 1.65 -10.35 12.08
CA GLN B 547 2.99 -10.17 11.55
C GLN B 547 3.91 -9.55 12.58
N MET B 548 3.43 -8.50 13.27
CA MET B 548 4.27 -7.84 14.27
C MET B 548 4.53 -8.75 15.46
N LEU B 549 3.54 -9.55 15.87
CA LEU B 549 3.74 -10.48 16.97
C LEU B 549 4.78 -11.53 16.61
N LEU B 550 4.71 -12.09 15.40
CA LEU B 550 5.70 -13.07 14.97
C LEU B 550 7.08 -12.42 14.85
N ARG B 551 7.13 -11.17 14.39
CA ARG B 551 8.40 -10.45 14.34
C ARG B 551 9.00 -10.30 15.73
N TYR B 552 8.16 -9.95 16.72
CA TYR B 552 8.64 -9.84 18.09
C TYR B 552 9.14 -11.17 18.61
N ILE B 553 8.42 -12.25 18.32
CA ILE B 553 8.83 -13.57 18.78
C ILE B 553 10.19 -13.93 18.18
N ASN B 554 10.36 -13.69 16.88
CA ASN B 554 11.63 -13.99 16.22
C ASN B 554 12.75 -13.13 16.79
N LEU B 555 12.48 -11.84 17.02
CA LEU B 555 13.50 -10.96 17.59
C LEU B 555 13.94 -11.45 18.97
N ARG B 556 12.98 -11.82 19.81
CA ARG B 556 13.32 -12.34 21.13
C ARG B 556 14.13 -13.63 21.01
N PHE B 557 13.72 -14.53 20.12
CA PHE B 557 14.48 -15.75 19.89
C PHE B 557 15.81 -15.51 19.19
N ASP B 558 16.01 -14.31 18.63
CA ASP B 558 17.25 -14.00 17.92
C ASP B 558 17.50 -14.99 16.80
N VAL B 559 16.50 -15.14 15.92
CA VAL B 559 16.62 -16.08 14.82
C VAL B 559 17.76 -15.69 13.91
N LYS B 560 17.97 -14.38 13.71
CA LYS B 560 19.08 -13.92 12.89
C LYS B 560 20.42 -14.36 13.48
N GLY B 561 20.57 -14.20 14.80
CA GLY B 561 21.82 -14.61 15.43
C GLY B 561 22.08 -16.09 15.32
N GLN B 562 21.05 -16.91 15.55
CA GLN B 562 21.21 -18.35 15.43
C GLN B 562 21.55 -18.74 14.00
N LYS B 563 20.87 -18.13 13.02
CA LYS B 563 21.15 -18.44 11.62
C LYS B 563 22.59 -18.08 11.25
N GLN B 564 23.07 -16.92 11.71
CA GLN B 564 24.41 -16.49 11.34
C GLN B 564 25.48 -17.28 12.08
N ARG B 565 25.20 -17.73 13.30
CA ARG B 565 26.18 -18.44 14.11
C ARG B 565 26.04 -19.96 14.00
N LEU B 566 24.82 -20.49 14.10
CA LEU B 566 24.63 -21.92 14.07
C LEU B 566 24.75 -22.45 12.64
N PRO B 567 25.22 -23.68 12.46
CA PRO B 567 25.38 -24.24 11.11
C PRO B 567 24.03 -24.34 10.42
N PRO B 568 23.98 -24.11 9.11
CA PRO B 568 22.72 -24.24 8.37
C PRO B 568 22.52 -25.64 7.80
N LYS B 569 21.25 -25.93 7.50
CA LYS B 569 20.86 -27.18 6.85
C LYS B 569 21.44 -28.38 7.61
N SER B 570 21.21 -28.41 8.92
CA SER B 570 21.68 -29.48 9.78
C SER B 570 20.52 -29.96 10.65
N ASP B 571 20.54 -31.24 10.99
CA ASP B 571 19.47 -31.81 11.81
C ASP B 571 19.40 -31.13 13.16
N ALA B 572 20.55 -30.75 13.72
CA ALA B 572 20.55 -30.11 15.03
C ALA B 572 19.73 -28.83 15.03
N ARG B 573 19.86 -28.01 13.98
CA ARG B 573 19.11 -26.77 13.89
C ARG B 573 17.76 -26.94 13.24
N LYS B 574 17.57 -27.98 12.41
CA LYS B 574 16.23 -28.33 11.98
C LYS B 574 15.36 -28.71 13.17
N ALA B 575 15.97 -29.30 14.21
CA ALA B 575 15.22 -29.59 15.43
C ALA B 575 14.73 -28.31 16.08
N PHE B 576 15.58 -27.28 16.15
CA PHE B 576 15.15 -26.00 16.71
C PHE B 576 14.07 -25.35 15.85
N PHE B 577 14.21 -25.45 14.53
CA PHE B 577 13.20 -24.89 13.64
C PHE B 577 11.85 -25.58 13.86
N THR B 578 11.85 -26.90 13.98
CA THR B 578 10.61 -27.62 14.25
C THR B 578 10.06 -27.26 15.62
N ARG B 579 10.93 -27.09 16.61
CA ARG B 579 10.50 -26.67 17.94
C ARG B 579 9.76 -25.34 17.87
N LEU B 580 10.35 -24.36 17.17
CA LEU B 580 9.70 -23.05 17.06
C LEU B 580 8.40 -23.14 16.27
N ARG B 581 8.40 -23.94 15.20
CA ARG B 581 7.18 -24.11 14.41
C ARG B 581 6.05 -24.70 15.25
N TYR B 582 6.36 -25.67 16.10
CA TYR B 582 5.34 -26.25 16.96
C TYR B 582 4.91 -25.27 18.05
N LEU B 583 5.87 -24.51 18.60
CA LEU B 583 5.52 -23.51 19.61
C LEU B 583 4.64 -22.42 19.04
N LYS B 584 4.74 -22.16 17.73
CA LYS B 584 3.85 -21.18 17.11
C LYS B 584 2.39 -21.53 17.34
N SER B 585 2.05 -22.82 17.22
CA SER B 585 0.67 -23.23 17.45
C SER B 585 0.24 -22.97 18.89
N VAL B 586 1.13 -23.24 19.85
CA VAL B 586 0.81 -22.96 21.25
C VAL B 586 0.59 -21.47 21.45
N PHE B 587 1.43 -20.64 20.86
CA PHE B 587 1.28 -19.20 20.99
C PHE B 587 -0.07 -18.74 20.42
N LEU B 588 -0.50 -19.36 19.33
CA LEU B 588 -1.79 -19.04 18.72
C LEU B 588 -2.94 -19.83 19.33
N PHE B 589 -2.66 -20.68 20.32
CA PHE B 589 -3.67 -21.47 21.03
C PHE B 589 -4.35 -22.48 20.12
N ASP B 590 -3.75 -22.81 18.97
CA ASP B 590 -4.32 -23.82 18.10
C ASP B 590 -4.19 -25.21 18.71
N VAL B 591 -3.09 -25.47 19.41
CA VAL B 591 -2.82 -26.76 20.04
C VAL B 591 -2.67 -26.53 21.53
N VAL B 592 -3.40 -27.31 22.33
CA VAL B 592 -3.36 -27.18 23.78
C VAL B 592 -2.07 -27.82 24.29
N PRO B 593 -1.20 -27.08 24.98
CA PRO B 593 0.03 -27.68 25.49
C PRO B 593 -0.19 -28.51 26.74
N GLU B 594 0.61 -29.55 26.89
CA GLU B 594 0.57 -30.38 28.07
C GLU B 594 1.35 -29.74 29.22
N LEU B 595 1.08 -30.22 30.43
CA LEU B 595 1.81 -29.71 31.59
C LEU B 595 3.30 -30.00 31.46
N GLU B 596 3.65 -31.22 31.04
CA GLU B 596 5.05 -31.53 30.80
C GLU B 596 5.62 -30.67 29.68
N PHE B 597 4.82 -30.41 28.64
CA PHE B 597 5.29 -29.55 27.55
C PHE B 597 5.62 -28.16 28.06
N LEU B 598 4.76 -27.60 28.92
CA LEU B 598 5.04 -26.29 29.50
C LEU B 598 6.28 -26.34 30.39
N ASP B 599 6.41 -27.41 31.19
CA ASP B 599 7.56 -27.53 32.07
C ASP B 599 8.86 -27.64 31.27
N ASP B 600 8.84 -28.38 30.17
CA ASP B 600 10.05 -28.58 29.37
C ASP B 600 10.50 -27.31 28.65
N LEU B 601 9.68 -26.27 28.62
CA LEU B 601 10.05 -25.05 27.92
C LEU B 601 11.32 -24.45 28.53
N THR B 602 12.21 -24.00 27.66
CA THR B 602 13.42 -23.33 28.09
C THR B 602 13.08 -21.93 28.64
N PRO B 603 13.99 -21.32 29.40
CA PRO B 603 13.67 -19.99 29.95
C PRO B 603 13.26 -18.98 28.89
N LEU B 604 13.91 -19.00 27.73
CA LEU B 604 13.52 -18.10 26.66
C LEU B 604 12.10 -18.40 26.18
N GLU B 605 11.81 -19.67 25.92
CA GLU B 605 10.48 -20.05 25.45
C GLU B 605 9.42 -19.75 26.51
N SER B 606 9.72 -20.05 27.77
CA SER B 606 8.76 -19.78 28.83
C SER B 606 8.49 -18.29 28.97
N GLU B 607 9.54 -17.47 28.91
CA GLU B 607 9.36 -16.02 29.00
C GLU B 607 8.55 -15.50 27.83
N VAL B 608 8.82 -16.00 26.61
CA VAL B 608 8.06 -15.56 25.45
C VAL B 608 6.60 -15.94 25.59
N LEU B 609 6.33 -17.16 26.05
CA LEU B 609 4.95 -17.60 26.23
C LEU B 609 4.24 -16.74 27.28
N GLU B 610 4.91 -16.45 28.39
CA GLU B 610 4.31 -15.61 29.41
C GLU B 610 4.02 -14.21 28.89
N GLU B 611 4.96 -13.63 28.14
CA GLU B 611 4.77 -12.28 27.62
C GLU B 611 3.64 -12.24 26.59
N ILE B 612 3.52 -13.28 25.77
CA ILE B 612 2.43 -13.33 24.79
C ILE B 612 1.09 -13.37 25.51
N TRP B 613 0.98 -14.17 26.57
CA TRP B 613 -0.26 -14.25 27.32
C TRP B 613 -0.59 -12.94 28.04
N SER B 614 0.42 -12.11 28.33
CA SER B 614 0.15 -10.85 29.00
C SER B 614 -0.71 -9.92 28.17
N LEU B 615 -0.78 -10.15 26.85
CA LEU B 615 -1.59 -9.31 25.98
C LEU B 615 -3.08 -9.63 26.08
N ASP B 616 -3.46 -10.70 26.76
CA ASP B 616 -4.86 -11.08 26.91
C ASP B 616 -5.53 -11.24 25.55
N LEU B 617 -4.85 -11.96 24.67
CA LEU B 617 -5.37 -12.14 23.31
C LEU B 617 -6.66 -12.95 23.35
N PRO B 618 -7.64 -12.61 22.53
CA PRO B 618 -8.86 -13.42 22.45
C PRO B 618 -8.57 -14.84 22.02
N PHE B 619 -9.61 -15.67 22.06
CA PHE B 619 -9.50 -17.08 21.74
C PHE B 619 -10.81 -17.57 21.17
N LEU B 620 -10.72 -18.58 20.30
CA LEU B 620 -11.89 -19.22 19.72
C LEU B 620 -11.80 -20.74 19.93
N PRO B 621 -12.94 -21.42 20.05
CA PRO B 621 -12.90 -22.84 20.40
C PRO B 621 -12.47 -23.76 19.27
N ASN B 622 -12.88 -23.44 18.04
CA ASN B 622 -12.65 -24.32 16.89
C ASN B 622 -11.91 -23.65 15.75
N ASP B 623 -11.35 -22.45 15.96
CA ASP B 623 -10.64 -21.75 14.91
C ASP B 623 -9.34 -21.18 15.45
N PRO B 624 -8.33 -20.96 14.58
CA PRO B 624 -7.06 -20.40 15.04
C PRO B 624 -7.17 -18.94 15.45
N LEU B 625 -6.03 -18.35 15.84
CA LEU B 625 -6.04 -16.95 16.25
C LEU B 625 -6.29 -16.02 15.07
N ALA B 626 -5.82 -16.39 13.88
CA ALA B 626 -6.06 -15.56 12.70
C ALA B 626 -7.55 -15.43 12.41
N TYR B 627 -8.29 -16.52 12.59
CA TYR B 627 -9.74 -16.46 12.40
C TYR B 627 -10.38 -15.49 13.41
N ALA B 628 -9.89 -15.51 14.65
CA ALA B 628 -10.39 -14.56 15.65
C ALA B 628 -10.07 -13.13 15.24
N ILE B 629 -8.87 -12.89 14.73
CA ILE B 629 -8.50 -11.54 14.28
C ILE B 629 -9.43 -11.10 13.17
N VAL B 630 -9.69 -11.98 12.21
CA VAL B 630 -10.58 -11.62 11.10
C VAL B 630 -11.98 -11.33 11.61
N ALA B 631 -12.49 -12.16 12.52
CA ALA B 631 -13.86 -12.00 12.98
C ALA B 631 -14.03 -10.74 13.83
N ASP B 632 -13.14 -10.54 14.80
CA ASP B 632 -13.23 -9.42 15.73
C ASP B 632 -11.88 -8.73 15.83
N PRO B 633 -11.43 -8.09 14.75
CA PRO B 633 -10.14 -7.40 14.79
C PRO B 633 -10.07 -6.28 15.79
N MET B 634 -11.18 -5.59 16.03
CA MET B 634 -11.14 -4.40 16.88
C MET B 634 -10.74 -4.74 18.31
N SER B 635 -11.04 -5.96 18.77
CA SER B 635 -10.74 -6.34 20.14
C SER B 635 -9.25 -6.39 20.43
N PHE B 636 -8.41 -6.43 19.39
CA PHE B 636 -6.97 -6.59 19.56
C PHE B 636 -6.24 -5.27 19.76
N PHE B 637 -6.94 -4.14 19.75
CA PHE B 637 -6.26 -2.86 19.86
C PHE B 637 -5.47 -2.71 21.15
N PRO B 638 -6.02 -3.03 22.33
CA PRO B 638 -5.20 -2.93 23.55
C PRO B 638 -3.97 -3.84 23.49
N ALA B 639 -4.13 -5.04 22.94
CA ALA B 639 -2.98 -5.94 22.81
C ALA B 639 -1.93 -5.35 21.87
N TYR B 640 -2.38 -4.72 20.78
CA TYR B 640 -1.44 -4.10 19.85
C TYR B 640 -0.70 -2.95 20.51
N CYS B 641 -1.42 -2.13 21.29
CA CYS B 641 -0.76 -1.04 22.00
C CYS B 641 0.26 -1.57 23.01
N LYS B 642 -0.08 -2.62 23.74
CA LYS B 642 0.87 -3.19 24.68
C LYS B 642 2.08 -3.78 23.96
N LEU B 643 1.86 -4.39 22.80
CA LEU B 643 2.97 -4.91 22.00
C LEU B 643 3.88 -3.77 21.55
N SER B 644 3.29 -2.65 21.13
CA SER B 644 4.11 -1.49 20.76
C SER B 644 4.91 -0.97 21.95
N GLY B 645 4.28 -0.95 23.13
CA GLY B 645 5.00 -0.54 24.32
C GLY B 645 6.18 -1.46 24.62
N LEU B 646 5.96 -2.77 24.47
CA LEU B 646 7.06 -3.72 24.66
C LEU B 646 8.16 -3.50 23.65
N TYR B 647 7.80 -3.27 22.39
CA TYR B 647 8.80 -2.96 21.36
C TYR B 647 9.63 -1.76 21.77
N GLU B 648 8.97 -0.69 22.22
CA GLU B 648 9.71 0.51 22.62
C GLU B 648 10.60 0.21 23.82
N GLN B 649 10.11 -0.56 24.79
CA GLN B 649 10.89 -0.85 25.98
C GLN B 649 12.15 -1.66 25.65
N TYR B 650 12.01 -2.69 24.81
CA TYR B 650 13.13 -3.56 24.51
C TYR B 650 14.20 -2.90 23.65
N GLY B 651 13.93 -1.73 23.09
CA GLY B 651 14.89 -1.02 22.27
C GLY B 651 14.86 -1.36 20.79
N PHE B 652 14.06 -2.35 20.39
CA PHE B 652 13.93 -2.66 18.97
C PHE B 652 13.19 -1.54 18.26
N GLN B 653 13.32 -1.53 16.92
CA GLN B 653 12.70 -0.48 16.14
C GLN B 653 11.20 -0.45 16.37
N ARG B 654 10.65 0.75 16.59
CA ARG B 654 9.26 0.91 16.92
C ARG B 654 8.40 0.92 15.66
N PHE B 655 7.10 0.67 15.84
CA PHE B 655 6.14 0.67 14.76
C PHE B 655 4.95 1.55 15.13
N SER B 656 4.24 2.02 14.11
CA SER B 656 3.09 2.89 14.31
C SER B 656 1.87 2.04 14.65
N ALA B 657 1.42 2.11 15.91
CA ALA B 657 0.22 1.41 16.33
C ALA B 657 -1.04 2.21 16.04
N ILE B 658 -1.04 3.49 16.38
CA ILE B 658 -2.15 4.40 16.10
C ILE B 658 -1.84 5.13 14.80
N PRO B 659 -2.71 5.06 13.79
CA PRO B 659 -2.43 5.77 12.53
C PRO B 659 -2.69 7.26 12.68
N LEU B 660 -1.69 8.06 12.33
CA LEU B 660 -1.76 9.51 12.43
C LEU B 660 -1.71 10.14 11.05
N ARG B 661 -2.63 11.08 10.79
CA ARG B 661 -2.69 11.77 9.51
C ARG B 661 -1.79 13.00 9.55
N ARG B 662 -0.49 12.72 9.58
CA ARG B 662 0.52 13.76 9.79
C ARG B 662 0.83 14.57 8.53
N SER B 663 0.41 14.11 7.36
CA SER B 663 0.75 14.80 6.12
C SER B 663 0.10 16.17 6.07
N LEU B 664 0.90 17.20 5.79
CA LEU B 664 0.39 18.56 5.67
C LEU B 664 -0.03 18.91 4.26
N ILE B 665 0.25 18.04 3.28
CA ILE B 665 -0.21 18.29 1.92
C ILE B 665 -1.73 18.14 1.85
N GLN B 666 -2.35 18.95 1.01
CA GLN B 666 -3.81 18.92 0.91
C GLN B 666 -4.29 17.52 0.54
N SER B 667 -5.31 17.05 1.26
CA SER B 667 -5.85 15.71 1.08
C SER B 667 -7.25 15.80 0.50
N HIS B 668 -7.58 14.85 -0.38
CA HIS B 668 -8.89 14.81 -0.98
C HIS B 668 -9.96 14.70 0.10
N VAL B 669 -11.01 15.50 -0.03
CA VAL B 669 -12.12 15.54 0.93
C VAL B 669 -13.40 15.22 0.19
N ARG B 670 -14.18 14.29 0.74
CA ARG B 670 -15.46 13.94 0.14
C ARG B 670 -16.38 15.14 0.12
N ILE B 671 -17.00 15.40 -1.04
CA ILE B 671 -17.97 16.47 -1.21
C ILE B 671 -19.21 15.85 -1.85
N ASP B 672 -20.33 15.92 -1.15
CA ASP B 672 -21.59 15.36 -1.61
C ASP B 672 -22.59 16.48 -1.88
N THR B 673 -23.81 16.09 -2.23
CA THR B 673 -24.85 17.09 -2.53
C THR B 673 -25.16 17.92 -1.31
N ILE B 674 -25.22 17.30 -0.13
CA ILE B 674 -25.52 18.04 1.09
C ILE B 674 -24.44 19.07 1.37
N ILE B 675 -23.18 18.64 1.33
CA ILE B 675 -22.07 19.57 1.49
C ILE B 675 -22.12 20.62 0.38
N LEU B 676 -22.47 20.21 -0.84
CA LEU B 676 -22.53 21.15 -1.94
C LEU B 676 -23.49 22.30 -1.66
N TYR B 677 -24.73 21.97 -1.29
CA TYR B 677 -25.71 23.03 -1.06
C TYR B 677 -25.55 23.70 0.30
N GLN B 678 -24.74 23.15 1.19
CA GLN B 678 -24.50 23.80 2.48
C GLN B 678 -23.32 24.75 2.44
N HIS B 679 -22.31 24.49 1.60
CA HIS B 679 -21.09 25.29 1.60
C HIS B 679 -20.77 25.91 0.25
N ILE B 680 -20.98 25.19 -0.85
CA ILE B 680 -20.64 25.72 -2.16
C ILE B 680 -21.74 26.64 -2.67
N LEU B 681 -22.94 26.09 -2.84
CA LEU B 681 -24.08 26.92 -3.28
C LEU B 681 -24.60 27.78 -2.15
N CYS B 682 -24.46 27.34 -0.90
CA CYS B 682 -24.92 28.09 0.27
C CYS B 682 -26.42 28.39 0.21
N ILE B 683 -27.19 27.46 -0.35
CA ILE B 683 -28.64 27.60 -0.41
C ILE B 683 -29.25 26.82 0.76
N THR B 684 -30.43 27.24 1.18
CA THR B 684 -31.10 26.60 2.30
C THR B 684 -31.51 25.17 1.94
N ARG B 685 -31.60 24.32 2.96
CA ARG B 685 -32.03 22.95 2.75
C ARG B 685 -33.42 22.89 2.13
N ARG B 686 -34.27 23.87 2.45
CA ARG B 686 -35.61 23.90 1.88
C ARG B 686 -35.57 24.04 0.36
N ASP B 687 -34.70 24.92 -0.15
CA ASP B 687 -34.61 25.13 -1.59
C ASP B 687 -33.97 23.95 -2.30
N ALA B 688 -33.02 23.28 -1.66
CA ALA B 688 -32.34 22.16 -2.30
C ALA B 688 -33.31 21.03 -2.63
N GLU B 689 -34.22 20.72 -1.71
CA GLU B 689 -35.16 19.63 -1.94
C GLU B 689 -36.09 19.89 -3.12
N THR B 690 -36.28 21.15 -3.50
CA THR B 690 -37.19 21.50 -4.59
C THR B 690 -36.53 21.42 -5.95
N VAL B 691 -35.24 21.10 -6.03
CA VAL B 691 -34.50 21.04 -7.28
C VAL B 691 -33.92 19.64 -7.43
N GLU B 692 -33.98 19.11 -8.66
CA GLU B 692 -33.44 17.79 -8.92
C GLU B 692 -31.92 17.77 -8.70
N LYS B 693 -31.40 16.60 -8.34
CA LYS B 693 -29.98 16.50 -8.03
C LYS B 693 -29.13 16.86 -9.24
N ASP B 694 -29.51 16.37 -10.43
CA ASP B 694 -28.76 16.71 -11.63
C ASP B 694 -28.79 18.21 -11.91
N ASP B 695 -29.98 18.82 -11.79
CA ASP B 695 -30.08 20.26 -12.00
C ASP B 695 -29.28 21.02 -10.97
N LEU B 696 -29.31 20.56 -9.71
CA LEU B 696 -28.54 21.23 -8.66
C LEU B 696 -27.05 21.15 -8.95
N TRP B 697 -26.58 20.00 -9.45
CA TRP B 697 -25.16 19.85 -9.74
C TRP B 697 -24.74 20.61 -10.98
N MET B 698 -25.63 20.76 -11.96
CA MET B 698 -25.27 21.48 -13.19
C MET B 698 -24.91 22.93 -12.92
N ARG B 699 -25.38 23.50 -11.81
CA ARG B 699 -25.03 24.87 -11.48
C ARG B 699 -23.54 25.04 -11.17
N VAL B 700 -22.87 23.95 -10.80
CA VAL B 700 -21.46 24.01 -10.40
C VAL B 700 -20.57 23.09 -11.22
N CYS B 701 -21.11 22.03 -11.81
CA CYS B 701 -20.33 21.06 -12.57
C CYS B 701 -20.89 20.94 -13.98
N ASN B 702 -19.99 20.77 -14.95
CA ASN B 702 -20.38 20.57 -16.34
C ASN B 702 -20.60 19.08 -16.55
N LEU B 703 -21.83 18.63 -16.30
CA LEU B 703 -22.16 17.21 -16.42
C LEU B 703 -22.03 16.71 -17.85
N CYS B 704 -22.05 17.61 -18.84
CA CYS B 704 -21.87 17.20 -20.23
C CYS B 704 -20.42 16.83 -20.53
N THR B 705 -19.49 17.09 -19.61
CA THR B 705 -18.10 16.73 -19.82
C THR B 705 -17.94 15.21 -19.90
N LYS B 706 -16.90 14.78 -20.61
CA LYS B 706 -16.69 13.35 -20.83
C LYS B 706 -16.54 12.61 -19.51
N ALA B 707 -15.88 13.24 -18.53
CA ALA B 707 -15.62 12.57 -17.26
C ALA B 707 -16.89 12.17 -16.53
N PHE B 708 -18.01 12.83 -16.81
CA PHE B 708 -19.28 12.56 -16.13
C PHE B 708 -20.18 11.61 -16.92
N ARG B 709 -19.71 11.08 -18.05
CA ARG B 709 -20.52 10.15 -18.82
C ARG B 709 -20.70 8.83 -18.06
N SER B 710 -21.81 8.16 -18.35
CA SER B 710 -22.11 6.88 -17.71
C SER B 710 -21.32 5.76 -18.37
N ARG B 711 -20.82 4.84 -17.54
CA ARG B 711 -20.08 3.68 -18.02
C ARG B 711 -20.62 2.43 -17.33
N CYS B 712 -20.96 1.42 -18.13
CA CYS B 712 -21.46 0.15 -17.60
C CYS B 712 -22.66 0.37 -16.68
N GLY B 713 -23.52 1.31 -17.07
CA GLY B 713 -24.73 1.58 -16.32
C GLY B 713 -24.54 2.40 -15.06
N MET B 714 -23.33 2.90 -14.80
CA MET B 714 -23.07 3.70 -13.61
C MET B 714 -23.24 5.18 -13.94
N HIS B 715 -23.76 5.92 -12.97
CA HIS B 715 -24.05 7.34 -13.14
C HIS B 715 -23.33 8.15 -12.06
N PHE B 716 -23.29 9.47 -12.28
CA PHE B 716 -22.57 10.36 -11.37
C PHE B 716 -23.15 10.29 -9.96
N GLU B 717 -24.41 10.69 -9.81
CA GLU B 717 -25.12 10.60 -8.53
C GLU B 717 -24.48 11.48 -7.46
N GLY B 718 -23.78 12.53 -7.87
CA GLY B 718 -23.33 13.56 -6.94
C GLY B 718 -22.43 13.08 -5.82
N SER B 719 -21.22 12.67 -6.14
CA SER B 719 -20.25 12.29 -5.11
C SER B 719 -18.85 12.40 -5.70
N ILE B 720 -18.06 13.36 -5.21
CA ILE B 720 -16.70 13.57 -5.68
C ILE B 720 -15.79 13.86 -4.49
N THR B 721 -14.50 13.59 -4.69
CA THR B 721 -13.46 13.96 -3.75
C THR B 721 -12.42 14.78 -4.49
N THR B 722 -12.12 15.97 -3.96
CA THR B 722 -11.22 16.91 -4.63
C THR B 722 -10.17 17.41 -3.66
N ASP B 723 -8.98 17.69 -4.20
CA ASP B 723 -7.88 18.24 -3.44
C ASP B 723 -7.49 19.64 -3.91
N GLY B 724 -8.25 20.23 -4.83
CA GLY B 724 -7.97 21.53 -5.38
C GLY B 724 -7.26 21.51 -6.71
N ALA B 725 -6.63 20.40 -7.07
CA ALA B 725 -5.95 20.26 -8.35
C ALA B 725 -6.55 19.17 -9.22
N SER B 726 -6.85 18.00 -8.65
CA SER B 726 -7.47 16.90 -9.37
C SER B 726 -8.78 16.55 -8.70
N VAL B 727 -9.82 16.35 -9.51
CA VAL B 727 -11.16 16.04 -9.03
C VAL B 727 -11.47 14.59 -9.36
N SER B 728 -11.84 13.83 -8.34
CA SER B 728 -12.21 12.42 -8.49
C SER B 728 -13.72 12.34 -8.62
N VAL B 729 -14.20 12.06 -9.83
CA VAL B 729 -15.62 11.97 -10.11
C VAL B 729 -16.02 10.51 -9.99
N TYR B 730 -16.80 10.19 -8.96
CA TYR B 730 -17.20 8.81 -8.68
C TYR B 730 -18.52 8.50 -9.37
N LEU B 731 -18.56 7.38 -10.08
CA LEU B 731 -19.78 6.89 -10.70
C LEU B 731 -20.36 5.78 -9.83
N LYS B 732 -21.62 5.93 -9.44
CA LYS B 732 -22.27 5.05 -8.49
C LYS B 732 -23.36 4.25 -9.19
N HIS B 733 -23.30 2.94 -9.07
CA HIS B 733 -24.30 2.08 -9.69
C HIS B 733 -25.62 2.19 -8.94
N PRO B 734 -26.76 2.03 -9.63
CA PRO B 734 -28.05 2.10 -8.93
C PRO B 734 -28.19 1.06 -7.83
N GLU B 735 -27.51 -0.07 -7.93
CA GLU B 735 -27.61 -1.15 -6.95
C GLU B 735 -26.62 -1.00 -5.80
N ALA B 736 -26.18 0.22 -5.52
CA ALA B 736 -25.24 0.44 -4.43
C ALA B 736 -25.88 0.05 -3.09
N ASP B 737 -25.04 0.00 -2.06
CA ASP B 737 -25.49 -0.40 -0.73
C ASP B 737 -26.32 0.67 -0.03
N LYS B 738 -26.37 1.89 -0.57
CA LYS B 738 -27.10 2.99 0.05
C LYS B 738 -26.61 3.23 1.47
N TYR B 739 -25.30 3.44 1.59
CA TYR B 739 -24.68 3.71 2.88
C TYR B 739 -24.97 2.60 3.88
N LYS B 756 -4.90 -18.78 -7.58
CA LYS B 756 -4.74 -20.12 -8.14
C LYS B 756 -5.56 -20.27 -9.42
N ALA B 757 -6.68 -19.55 -9.50
CA ALA B 757 -7.51 -19.57 -10.69
C ALA B 757 -6.98 -18.66 -11.80
N LEU B 758 -6.04 -17.77 -11.47
CA LEU B 758 -5.46 -16.87 -12.46
C LEU B 758 -4.30 -17.49 -13.24
N TYR B 759 -3.82 -18.66 -12.81
CA TYR B 759 -2.67 -19.27 -13.48
C TYR B 759 -3.06 -19.83 -14.83
N VAL B 760 -2.08 -19.87 -15.74
CA VAL B 760 -2.33 -20.31 -17.11
C VAL B 760 -2.76 -21.77 -17.13
N GLU B 761 -2.35 -22.55 -16.14
CA GLU B 761 -2.68 -23.98 -16.13
C GLU B 761 -4.19 -24.19 -16.20
N ASN B 762 -4.95 -23.32 -15.52
CA ASN B 762 -6.41 -23.43 -15.49
C ASN B 762 -7.08 -22.58 -16.57
N ASN B 763 -6.31 -21.90 -17.43
CA ASN B 763 -6.86 -21.03 -18.46
C ASN B 763 -6.31 -21.39 -19.84
N LEU B 764 -5.92 -22.65 -20.03
CA LEU B 764 -5.39 -23.06 -21.31
C LEU B 764 -6.37 -22.86 -22.46
N PRO B 765 -7.66 -23.17 -22.33
CA PRO B 765 -8.57 -22.96 -23.47
C PRO B 765 -8.60 -21.52 -23.96
N ALA B 766 -8.51 -20.55 -23.05
CA ALA B 766 -8.48 -19.15 -23.46
C ALA B 766 -7.25 -18.86 -24.31
N CYS B 767 -6.09 -19.39 -23.90
CA CYS B 767 -4.87 -19.18 -24.67
C CYS B 767 -4.97 -19.85 -26.04
N ARG B 768 -5.58 -21.04 -26.09
CA ARG B 768 -5.68 -21.76 -27.35
C ARG B 768 -6.44 -20.96 -28.40
N ALA B 769 -7.54 -20.34 -28.01
CA ALA B 769 -8.35 -19.56 -28.93
C ALA B 769 -7.81 -18.15 -29.15
N ALA B 770 -6.79 -17.74 -28.40
CA ALA B 770 -6.23 -16.40 -28.56
C ALA B 770 -5.55 -16.26 -29.91
N GLU B 771 -5.66 -15.06 -30.49
CA GLU B 771 -5.02 -14.81 -31.78
C GLU B 771 -3.50 -14.92 -31.65
N ASN B 772 -2.93 -14.38 -30.58
CA ASN B 772 -1.50 -14.47 -30.33
C ASN B 772 -1.26 -14.49 -28.83
N VAL B 773 -0.23 -15.21 -28.41
CA VAL B 773 0.10 -15.39 -27.01
C VAL B 773 1.47 -14.74 -26.75
N VAL B 774 1.52 -13.90 -25.72
CA VAL B 774 2.73 -13.19 -25.34
C VAL B 774 3.04 -13.51 -23.89
N VAL B 775 4.29 -13.89 -23.62
CA VAL B 775 4.75 -14.25 -22.29
C VAL B 775 5.63 -13.13 -21.76
N ILE B 776 5.43 -12.76 -20.49
CA ILE B 776 6.14 -11.67 -19.85
C ILE B 776 6.84 -12.20 -18.61
N ASP B 777 8.11 -11.82 -18.44
CA ASP B 777 8.90 -12.21 -17.28
C ASP B 777 9.22 -10.97 -16.45
N PRO B 778 8.50 -10.72 -15.36
CA PRO B 778 8.77 -9.52 -14.56
C PRO B 778 10.15 -9.56 -13.92
N ASN B 779 10.74 -8.38 -13.79
CA ASN B 779 12.04 -8.23 -13.14
C ASN B 779 12.11 -6.83 -12.52
N LYS B 780 13.09 -6.65 -11.65
CA LYS B 780 13.25 -5.36 -10.98
C LYS B 780 13.52 -4.25 -12.00
N ARG B 781 14.48 -4.46 -12.89
CA ARG B 781 14.77 -3.47 -13.93
C ARG B 781 13.82 -3.62 -15.10
N ASP B 782 13.84 -4.78 -15.76
CA ASP B 782 12.91 -5.06 -16.86
C ASP B 782 11.58 -5.48 -16.25
N ILE B 783 10.72 -4.48 -15.99
CA ILE B 783 9.46 -4.75 -15.32
C ILE B 783 8.61 -5.70 -16.15
N LEU B 784 8.66 -5.56 -17.48
CA LEU B 784 7.95 -6.46 -18.39
C LEU B 784 8.86 -6.75 -19.57
N TYR B 785 9.31 -8.00 -19.69
CA TYR B 785 10.09 -8.46 -20.83
C TYR B 785 9.23 -9.46 -21.60
N CYS B 786 8.82 -9.08 -22.80
CA CYS B 786 7.80 -9.79 -23.56
C CYS B 786 8.40 -10.49 -24.77
N GLN B 787 7.83 -11.64 -25.10
CA GLN B 787 8.19 -12.39 -26.30
C GLN B 787 7.01 -13.24 -26.72
N ASP B 788 6.98 -13.59 -28.00
CA ASP B 788 5.90 -14.40 -28.57
C ASP B 788 6.50 -15.50 -29.44
N SER B 789 5.61 -16.32 -30.01
CA SER B 789 6.06 -17.41 -30.86
C SER B 789 6.77 -16.89 -32.10
N ASN B 790 6.29 -15.79 -32.67
CA ASN B 790 6.91 -15.23 -33.87
C ASN B 790 8.30 -14.67 -33.61
N GLY B 791 8.71 -14.55 -32.35
CA GLY B 791 10.03 -14.04 -32.01
C GLY B 791 10.13 -12.54 -31.89
N THR B 792 9.03 -11.82 -31.99
CA THR B 792 9.05 -10.35 -31.89
C THR B 792 9.16 -9.99 -30.41
N THR B 793 10.36 -9.59 -29.99
CA THR B 793 10.60 -9.27 -28.59
C THR B 793 10.16 -7.85 -28.27
N PHE B 794 9.72 -7.65 -27.03
CA PHE B 794 9.30 -6.35 -26.55
C PHE B 794 9.50 -6.30 -25.04
N ARG B 795 9.95 -5.15 -24.55
CA ARG B 795 10.19 -4.98 -23.12
C ARG B 795 9.75 -3.59 -22.68
N TYR B 796 9.36 -3.50 -21.41
CA TYR B 796 8.96 -2.24 -20.77
C TYR B 796 9.82 -2.09 -19.52
N THR B 797 10.96 -1.41 -19.68
CA THR B 797 11.96 -1.34 -18.62
C THR B 797 11.54 -0.34 -17.54
N ALA B 798 12.21 -0.47 -16.39
CA ALA B 798 11.96 0.47 -15.29
C ALA B 798 12.38 1.88 -15.67
N ASN B 799 13.47 2.02 -16.42
CA ASN B 799 13.91 3.35 -16.84
C ASN B 799 12.86 4.02 -17.71
N GLN B 800 12.26 3.26 -18.64
CA GLN B 800 11.22 3.83 -19.48
C GLN B 800 10.02 4.27 -18.65
N ARG B 801 9.63 3.46 -17.67
CA ARG B 801 8.52 3.85 -16.80
C ARG B 801 8.84 5.12 -16.02
N ALA B 802 10.07 5.22 -15.50
CA ALA B 802 10.45 6.42 -14.77
C ALA B 802 10.44 7.64 -15.68
N VAL B 803 10.94 7.50 -16.90
CA VAL B 803 10.97 8.64 -17.82
C VAL B 803 9.57 9.08 -18.18
N GLU B 804 8.70 8.14 -18.56
CA GLU B 804 7.36 8.49 -19.00
C GLU B 804 6.52 9.03 -17.84
N THR B 805 6.53 8.32 -16.71
CA THR B 805 5.79 8.79 -15.54
C THR B 805 6.36 10.09 -15.02
N GLY B 806 7.69 10.24 -15.04
CA GLY B 806 8.32 11.42 -14.51
C GLY B 806 8.54 11.40 -13.02
N SER B 807 8.54 10.21 -12.41
CA SER B 807 8.73 10.13 -10.96
C SER B 807 10.08 10.68 -10.54
N ARG B 808 11.13 10.35 -11.30
CA ARG B 808 12.46 10.83 -10.95
C ARG B 808 12.58 12.34 -11.07
N ARG B 809 12.04 12.91 -12.16
CA ARG B 809 12.10 14.36 -12.31
C ARG B 809 11.30 15.06 -11.22
N PHE B 810 10.12 14.54 -10.89
CA PHE B 810 9.32 15.13 -9.82
C PHE B 810 10.04 15.04 -8.48
N ALA B 811 10.69 13.90 -8.21
CA ALA B 811 11.44 13.76 -6.98
C ALA B 811 12.60 14.74 -6.92
N LYS B 812 13.30 14.93 -8.03
CA LYS B 812 14.40 15.90 -8.06
C LYS B 812 13.89 17.31 -7.81
N ARG B 813 12.77 17.68 -8.44
CA ARG B 813 12.23 19.02 -8.24
C ARG B 813 11.75 19.21 -6.80
N ARG B 814 11.14 18.18 -6.22
CA ARG B 814 10.70 18.26 -4.83
C ARG B 814 11.90 18.42 -3.89
N GLU B 815 12.98 17.67 -4.14
CA GLU B 815 14.19 17.82 -3.34
C GLU B 815 14.76 19.22 -3.47
N ALA B 816 14.79 19.75 -4.70
CA ALA B 816 15.31 21.11 -4.91
C ALA B 816 14.46 22.13 -4.16
N MET B 817 13.14 22.00 -4.22
CA MET B 817 12.27 22.92 -3.49
C MET B 817 12.49 22.82 -1.98
N LYS B 818 12.62 21.60 -1.47
CA LYS B 818 12.87 21.44 -0.04
C LYS B 818 14.18 22.08 0.37
N GLU B 819 15.23 21.88 -0.43
CA GLU B 819 16.52 22.49 -0.12
C GLU B 819 16.44 24.00 -0.16
N GLU B 820 15.75 24.56 -1.17
CA GLU B 820 15.61 26.00 -1.26
C GLU B 820 14.86 26.57 -0.06
N ALA B 821 13.78 25.91 0.34
CA ALA B 821 12.99 26.37 1.48
C ALA B 821 13.56 25.91 2.81
N GLY B 822 14.49 24.96 2.83
CA GLY B 822 15.03 24.46 4.07
C GLY B 822 14.08 23.58 4.84
N VAL B 823 13.03 23.06 4.19
CA VAL B 823 12.07 22.22 4.89
C VAL B 823 12.71 20.92 5.34
N ASP B 824 13.65 20.39 4.57
CA ASP B 824 14.29 19.13 4.93
C ASP B 824 14.97 19.22 6.29
N LEU B 825 15.66 20.33 6.56
CA LEU B 825 16.28 20.50 7.86
C LEU B 825 15.25 20.52 8.97
N ILE B 826 14.12 21.19 8.75
CA ILE B 826 13.08 21.28 9.78
C ILE B 826 12.51 19.90 10.07
N GLU B 827 12.18 19.15 9.03
CA GLU B 827 11.54 17.85 9.20
C GLU B 827 12.50 16.81 9.78
N SER B 828 13.78 16.88 9.41
CA SER B 828 14.74 15.89 9.87
C SER B 828 14.85 15.85 11.40
N ARG B 829 14.52 16.95 12.08
CA ARG B 829 14.63 17.02 13.53
C ARG B 829 13.32 16.74 14.25
N ILE B 830 12.27 16.40 13.52
CA ILE B 830 10.99 16.05 14.17
C ILE B 830 11.14 14.69 14.85
N PRO B 831 10.84 14.57 16.15
CA PRO B 831 10.98 13.26 16.80
C PRO B 831 10.03 12.21 16.24
N SER B 832 10.14 10.98 16.73
CA SER B 832 9.32 9.89 16.22
C SER B 832 7.88 10.05 16.69
N HIS B 833 6.93 9.85 15.76
CA HIS B 833 5.52 9.87 16.10
C HIS B 833 5.03 8.53 16.63
N LYS B 834 5.83 7.47 16.51
CA LYS B 834 5.42 6.14 16.93
C LYS B 834 5.71 5.85 18.39
N THR B 835 6.36 6.77 19.09
CA THR B 835 6.70 6.55 20.49
C THR B 835 5.43 6.62 21.36
N MET B 836 5.39 5.76 22.38
CA MET B 836 4.31 5.76 23.36
C MET B 836 4.57 6.69 24.53
N ASN B 837 5.77 7.26 24.64
CA ASN B 837 6.10 8.12 25.76
C ASN B 837 5.34 9.44 25.67
N LEU B 838 4.76 9.86 26.79
CA LEU B 838 3.96 11.08 26.79
C LEU B 838 4.83 12.32 26.64
N MET B 839 5.92 12.39 27.40
CA MET B 839 6.78 13.57 27.34
C MET B 839 7.44 13.71 25.97
N ASP B 840 7.88 12.58 25.40
CA ASP B 840 8.47 12.62 24.07
C ASP B 840 7.45 13.08 23.04
N PHE B 841 6.21 12.59 23.16
CA PHE B 841 5.16 13.02 22.24
C PHE B 841 4.88 14.52 22.38
N THR B 842 4.88 15.02 23.63
CA THR B 842 4.68 16.45 23.83
C THR B 842 5.81 17.26 23.20
N ARG B 843 7.06 16.80 23.35
CA ARG B 843 8.17 17.48 22.72
C ARG B 843 8.04 17.45 21.20
N TYR B 844 7.58 16.32 20.65
CA TYR B 844 7.36 16.22 19.22
C TYR B 844 6.31 17.21 18.76
N LEU B 845 5.21 17.33 19.51
CA LEU B 845 4.17 18.29 19.15
C LEU B 845 4.71 19.72 19.21
N LEU B 846 5.50 20.03 20.23
CA LEU B 846 6.08 21.37 20.33
C LEU B 846 7.01 21.66 19.15
N VAL B 847 7.84 20.67 18.78
CA VAL B 847 8.73 20.85 17.65
C VAL B 847 7.94 21.07 16.37
N ARG B 848 6.88 20.30 16.17
CA ARG B 848 6.05 20.48 14.98
C ARG B 848 5.43 21.87 14.97
N ARG B 849 4.93 22.34 16.11
CA ARG B 849 4.34 23.67 16.18
C ARG B 849 5.39 24.75 15.95
N ALA B 850 6.66 24.47 16.25
CA ALA B 850 7.68 25.49 16.13
C ALA B 850 7.77 26.04 14.71
N ASP B 851 7.72 25.15 13.72
CA ASP B 851 7.80 25.54 12.31
C ASP B 851 6.60 25.03 11.52
N TRP B 852 5.44 24.91 12.18
CA TRP B 852 4.25 24.43 11.49
C TRP B 852 3.84 25.38 10.38
N ASP B 853 3.91 26.68 10.64
CA ASP B 853 3.50 27.66 9.63
C ASP B 853 4.37 27.57 8.38
N ARG B 854 5.68 27.44 8.56
CA ARG B 854 6.59 27.40 7.42
C ARG B 854 6.32 26.18 6.55
N ARG B 855 6.18 25.01 7.16
CA ARG B 855 5.93 23.79 6.39
C ARG B 855 4.55 23.83 5.75
N LYS B 856 3.56 24.39 6.44
CA LYS B 856 2.23 24.53 5.85
C LYS B 856 2.28 25.42 4.62
N GLU B 857 2.98 26.55 4.71
CA GLU B 857 3.10 27.45 3.56
C GLU B 857 3.83 26.77 2.42
N PHE B 858 4.91 26.04 2.72
CA PHE B 858 5.66 25.37 1.67
C PHE B 858 4.80 24.33 0.96
N TYR B 859 4.10 23.50 1.74
CA TYR B 859 3.26 22.45 1.15
C TYR B 859 1.94 23.00 0.62
N SER B 860 1.59 24.25 0.93
CA SER B 860 0.43 24.88 0.32
C SER B 860 0.68 25.23 -1.15
N HIS B 861 1.92 25.11 -1.62
CA HIS B 861 2.21 25.43 -3.01
C HIS B 861 1.45 24.48 -3.93
N PRO B 862 0.92 24.95 -5.06
CA PRO B 862 0.13 24.06 -5.92
C PRO B 862 0.91 22.90 -6.49
N ALA B 863 2.25 22.97 -6.50
CA ALA B 863 3.04 21.94 -7.16
C ALA B 863 2.79 20.56 -6.59
N HIS B 864 2.64 20.47 -5.26
CA HIS B 864 2.49 19.16 -4.63
C HIS B 864 1.25 18.44 -5.14
N THR B 865 0.12 19.15 -5.21
CA THR B 865 -1.09 18.55 -5.77
C THR B 865 -0.98 18.43 -7.29
N ARG B 866 -0.48 19.46 -7.96
CA ARG B 866 -0.26 19.37 -9.40
C ARG B 866 0.71 18.26 -9.74
N TRP B 867 1.69 18.00 -8.86
CA TRP B 867 2.59 16.87 -9.08
C TRP B 867 1.83 15.57 -9.07
N LYS B 868 0.91 15.39 -8.12
CA LYS B 868 0.11 14.18 -8.08
C LYS B 868 -0.73 14.04 -9.34
N TRP B 869 -1.38 15.13 -9.77
CA TRP B 869 -2.22 15.07 -10.96
C TRP B 869 -1.41 14.75 -12.20
N HIS B 870 -0.24 15.38 -12.36
CA HIS B 870 0.61 15.10 -13.50
C HIS B 870 1.17 13.68 -13.44
N SER B 871 1.47 13.18 -12.25
CA SER B 871 1.89 11.79 -12.13
C SER B 871 0.80 10.84 -12.60
N PHE B 872 -0.45 11.11 -12.21
CA PHE B 872 -1.56 10.30 -12.67
C PHE B 872 -1.69 10.34 -14.18
N ILE B 873 -1.62 11.54 -14.75
CA ILE B 873 -1.74 11.66 -16.21
C ILE B 873 -0.61 10.92 -16.91
N ASN B 874 0.62 11.08 -16.41
CA ASN B 874 1.76 10.43 -17.05
C ASN B 874 1.67 8.92 -16.93
N ARG B 875 1.23 8.41 -15.78
CA ARG B 875 1.06 6.97 -15.64
C ARG B 875 0.01 6.45 -16.60
N GLN B 876 -1.11 7.17 -16.73
CA GLN B 876 -2.16 6.74 -17.66
C GLN B 876 -1.64 6.74 -19.10
N LYS B 877 -0.91 7.79 -19.48
CA LYS B 877 -0.37 7.86 -20.83
C LYS B 877 0.65 6.75 -21.08
N SER B 878 1.49 6.46 -20.09
CA SER B 878 2.47 5.39 -20.25
C SER B 878 1.78 4.04 -20.41
N GLU B 879 0.74 3.79 -19.62
CA GLU B 879 0.01 2.53 -19.76
C GLU B 879 -0.65 2.44 -21.14
N SER B 880 -1.26 3.54 -21.60
CA SER B 880 -1.91 3.52 -22.91
C SER B 880 -0.89 3.28 -24.01
N ASP B 881 0.28 3.92 -23.92
CA ASP B 881 1.32 3.72 -24.91
C ASP B 881 1.83 2.29 -24.89
N LEU B 882 1.99 1.71 -23.69
CA LEU B 882 2.42 0.32 -23.59
C LEU B 882 1.42 -0.60 -24.27
N ILE B 883 0.13 -0.38 -24.01
CA ILE B 883 -0.91 -1.23 -24.61
C ILE B 883 -0.90 -1.08 -26.12
N SER B 884 -0.78 0.15 -26.61
CA SER B 884 -0.77 0.39 -28.05
C SER B 884 0.45 -0.28 -28.70
N ASN B 885 1.62 -0.15 -28.08
CA ASN B 885 2.81 -0.78 -28.63
C ASN B 885 2.67 -2.29 -28.65
N MET B 886 2.15 -2.88 -27.58
CA MET B 886 1.96 -4.33 -27.55
C MET B 886 0.99 -4.77 -28.64
N ARG B 887 -0.11 -4.03 -28.82
CA ARG B 887 -1.06 -4.40 -29.86
C ARG B 887 -0.44 -4.30 -31.24
N ASN B 888 0.31 -3.23 -31.49
CA ASN B 888 0.96 -3.07 -32.80
C ASN B 888 1.96 -4.18 -33.06
N LYS B 889 2.74 -4.54 -32.03
CA LYS B 889 3.78 -5.56 -32.22
C LYS B 889 3.18 -6.94 -32.39
N TYR B 890 2.11 -7.26 -31.64
CA TYR B 890 1.57 -8.61 -31.60
C TYR B 890 0.16 -8.73 -32.19
N GLY B 891 -0.50 -7.63 -32.49
CA GLY B 891 -1.84 -7.64 -33.05
C GLY B 891 -2.86 -7.02 -32.13
N GLU B 892 -4.04 -6.74 -32.71
CA GLU B 892 -5.08 -6.06 -31.97
C GLU B 892 -5.53 -6.87 -30.75
N ASN B 893 -5.70 -8.17 -30.93
CA ASN B 893 -6.13 -9.07 -29.86
C ASN B 893 -5.01 -10.05 -29.56
N PHE B 894 -4.68 -10.18 -28.28
CA PHE B 894 -3.64 -11.11 -27.85
C PHE B 894 -3.83 -11.43 -26.38
N THR B 895 -3.19 -12.51 -25.93
CA THR B 895 -3.26 -12.95 -24.55
C THR B 895 -1.90 -12.81 -23.90
N VAL B 896 -1.90 -12.40 -22.63
CA VAL B 896 -0.68 -12.14 -21.88
C VAL B 896 -0.53 -13.20 -20.80
N VAL B 897 0.64 -13.84 -20.77
CA VAL B 897 1.00 -14.80 -19.73
C VAL B 897 2.17 -14.21 -18.97
N MET B 898 2.04 -14.09 -17.66
CA MET B 898 3.03 -13.44 -16.82
C MET B 898 3.48 -14.38 -15.71
N GLY B 899 4.74 -14.24 -15.31
CA GLY B 899 5.25 -15.05 -14.22
C GLY B 899 4.60 -14.69 -12.90
N ASP B 900 4.56 -15.68 -12.00
CA ASP B 900 3.89 -15.51 -10.72
C ASP B 900 4.71 -14.73 -9.71
N TRP B 901 5.99 -14.48 -9.98
CA TRP B 901 6.82 -13.75 -9.03
C TRP B 901 6.23 -12.36 -8.78
N SER B 902 6.14 -11.98 -7.51
CA SER B 902 5.59 -10.68 -7.13
C SER B 902 6.18 -10.30 -5.78
N ASP B 903 6.98 -9.23 -5.77
CA ASP B 903 7.54 -8.72 -4.52
C ASP B 903 6.52 -7.80 -3.85
N ALA B 904 5.31 -8.32 -3.63
CA ALA B 904 4.21 -7.51 -3.12
C ALA B 904 4.34 -7.33 -1.62
N GLY B 905 4.06 -6.11 -1.16
CA GLY B 905 4.14 -5.79 0.25
C GLY B 905 5.57 -5.67 0.73
N ARG B 906 6.30 -6.79 0.69
CA ARG B 906 7.70 -6.79 1.05
C ARG B 906 8.55 -6.25 -0.10
N THR B 907 9.78 -5.85 0.24
CA THR B 907 10.74 -5.39 -0.75
C THR B 907 12.13 -5.65 -0.22
N ALA B 908 12.90 -6.44 -0.96
CA ALA B 908 14.26 -6.77 -0.53
C ALA B 908 15.07 -5.50 -0.30
N ARG B 909 15.79 -5.46 0.82
CA ARG B 909 16.57 -4.28 1.15
C ARG B 909 17.65 -4.05 0.10
N PHE B 910 17.94 -2.78 -0.16
CA PHE B 910 18.88 -2.31 -1.16
C PHE B 910 18.33 -2.43 -2.57
N GLN B 911 17.02 -2.63 -2.74
CA GLN B 911 16.39 -2.75 -4.05
C GLN B 911 15.22 -1.79 -4.14
N THR B 912 15.08 -1.13 -5.28
CA THR B 912 14.00 -0.19 -5.49
C THR B 912 12.67 -0.90 -5.65
N SER B 913 11.59 -0.18 -5.35
CA SER B 913 10.25 -0.71 -5.53
C SER B 913 9.92 -0.88 -7.01
N SER B 914 9.13 -1.90 -7.32
CA SER B 914 8.76 -2.21 -8.68
C SER B 914 7.29 -2.62 -8.72
N LYS B 915 6.67 -2.45 -9.89
CA LYS B 915 5.27 -2.81 -10.10
C LYS B 915 5.21 -4.24 -10.61
N THR B 916 4.62 -5.12 -9.81
CA THR B 916 4.51 -6.54 -10.15
C THR B 916 3.07 -7.01 -10.26
N LYS B 917 2.22 -6.67 -9.28
CA LYS B 917 0.84 -7.15 -9.27
C LYS B 917 -0.14 -6.18 -9.91
N GLY B 918 0.24 -4.90 -10.06
CA GLY B 918 -0.65 -3.94 -10.69
C GLY B 918 -0.84 -4.16 -12.18
N TRP B 919 0.11 -4.84 -12.83
CA TRP B 919 -0.03 -5.11 -14.25
C TRP B 919 -1.22 -5.99 -14.54
N ARG B 920 -1.57 -6.88 -13.61
CA ARG B 920 -2.77 -7.69 -13.77
C ARG B 920 -4.00 -6.79 -13.90
N THR B 921 -4.14 -5.83 -12.98
CA THR B 921 -5.26 -4.90 -13.05
C THR B 921 -5.19 -4.07 -14.34
N LEU B 922 -4.00 -3.62 -14.72
CA LEU B 922 -3.87 -2.82 -15.93
C LEU B 922 -4.37 -3.59 -17.15
N PHE B 923 -3.94 -4.85 -17.29
CA PHE B 923 -4.40 -5.66 -18.41
C PHE B 923 -5.90 -5.92 -18.32
N LYS B 924 -6.42 -6.11 -17.11
CA LYS B 924 -7.85 -6.33 -16.97
C LYS B 924 -8.65 -5.12 -17.43
N ARG B 925 -8.14 -3.91 -17.14
CA ARG B 925 -8.84 -2.70 -17.57
C ARG B 925 -8.92 -2.62 -19.09
N ASN B 926 -7.82 -2.94 -19.78
CA ASN B 926 -7.74 -2.84 -21.24
C ASN B 926 -8.32 -4.06 -21.95
N ARG B 927 -9.08 -4.90 -21.24
CA ARG B 927 -9.73 -6.06 -21.85
C ARG B 927 -8.71 -6.99 -22.48
N ILE B 928 -7.57 -7.16 -21.81
CA ILE B 928 -6.51 -8.06 -22.25
C ILE B 928 -6.30 -9.12 -21.19
N ASP B 929 -6.35 -10.39 -21.59
CA ASP B 929 -6.22 -11.48 -20.64
C ASP B 929 -4.82 -11.47 -20.02
N CYS B 930 -4.76 -11.74 -18.71
CA CYS B 930 -3.50 -11.80 -17.97
C CYS B 930 -3.52 -13.07 -17.13
N PHE B 931 -2.70 -14.04 -17.51
CA PHE B 931 -2.64 -15.34 -16.84
C PHE B 931 -1.28 -15.50 -16.17
N LEU B 932 -1.29 -16.00 -14.94
CA LEU B 932 -0.06 -16.18 -14.19
C LEU B 932 0.63 -17.47 -14.57
N LEU B 933 1.91 -17.57 -14.22
CA LEU B 933 2.71 -18.75 -14.48
C LEU B 933 3.82 -18.82 -13.45
N ASP B 934 4.19 -20.05 -13.09
CA ASP B 934 5.24 -20.26 -12.09
C ASP B 934 6.61 -19.97 -12.69
N GLU B 935 7.39 -19.16 -12.00
CA GLU B 935 8.75 -18.80 -12.44
C GLU B 935 9.82 -19.70 -11.84
N TYR B 936 9.43 -20.73 -11.08
CA TYR B 936 10.41 -21.55 -10.39
C TYR B 936 11.41 -22.15 -11.37
N LYS B 937 12.69 -21.90 -11.11
CA LYS B 937 13.79 -22.49 -11.88
C LYS B 937 13.60 -22.25 -13.38
N THR B 938 13.17 -21.04 -13.73
CA THR B 938 13.00 -20.64 -15.12
C THR B 938 14.21 -19.90 -15.67
N SER B 939 15.23 -19.66 -14.85
CA SER B 939 16.46 -19.00 -15.29
C SER B 939 17.67 -19.92 -15.23
N SER B 940 17.44 -21.24 -15.15
CA SER B 940 18.52 -22.21 -15.04
C SER B 940 18.41 -23.30 -16.10
N VAL B 941 17.66 -23.06 -17.17
CA VAL B 941 17.48 -24.03 -18.24
C VAL B 941 17.82 -23.36 -19.57
N CYS B 942 18.68 -24.00 -20.36
CA CYS B 942 19.04 -23.49 -21.68
C CYS B 942 18.05 -24.04 -22.71
N PRO B 943 17.28 -23.19 -23.39
CA PRO B 943 16.26 -23.71 -24.31
C PRO B 943 16.82 -24.56 -25.44
N ARG B 944 18.02 -24.24 -25.95
CA ARG B 944 18.56 -24.97 -27.08
C ARG B 944 18.88 -26.42 -26.74
N CYS B 945 19.11 -26.74 -25.47
CA CYS B 945 19.37 -28.11 -25.05
C CYS B 945 18.46 -28.58 -23.92
N SER B 946 17.66 -27.70 -23.31
CA SER B 946 16.74 -28.08 -22.26
C SER B 946 17.45 -28.81 -21.13
N SER B 947 18.62 -28.29 -20.75
CA SER B 947 19.42 -28.85 -19.68
C SER B 947 19.87 -27.75 -18.74
N SER B 948 19.98 -28.09 -17.45
CA SER B 948 20.38 -27.15 -16.43
C SER B 948 21.78 -27.40 -15.87
N GLU B 949 22.41 -28.53 -16.23
CA GLU B 949 23.72 -28.84 -15.69
C GLU B 949 24.78 -27.87 -16.18
N PHE B 950 24.69 -27.45 -17.44
CA PHE B 950 25.72 -26.63 -18.07
C PHE B 950 25.47 -25.14 -17.97
N VAL B 951 24.41 -24.72 -17.26
CA VAL B 951 24.12 -23.29 -17.11
C VAL B 951 25.08 -22.69 -16.10
N GLU B 952 25.63 -21.52 -16.43
CA GLU B 952 26.58 -20.83 -15.58
C GLU B 952 25.96 -19.56 -15.04
N LYS B 953 26.24 -19.25 -13.78
CA LYS B 953 25.68 -18.08 -13.10
C LYS B 953 26.79 -17.30 -12.43
N LYS B 954 26.72 -15.97 -12.53
CA LYS B 954 27.65 -15.08 -11.85
C LYS B 954 29.10 -15.42 -12.20
N PHE B 955 29.33 -15.79 -13.46
CA PHE B 955 30.67 -16.22 -13.86
C PHE B 955 31.62 -15.04 -14.05
N LYS B 956 31.12 -13.87 -14.42
CA LYS B 956 31.95 -12.71 -14.67
C LYS B 956 31.66 -11.61 -13.64
N THR B 957 32.70 -10.84 -13.33
CA THR B 957 32.62 -9.75 -12.37
C THR B 957 32.96 -8.44 -13.06
N ARG B 958 32.41 -7.35 -12.53
CA ARG B 958 32.65 -6.02 -13.08
C ARG B 958 32.38 -5.00 -11.98
N PRO B 959 32.89 -3.78 -12.13
CA PRO B 959 32.64 -2.75 -11.11
C PRO B 959 31.15 -2.51 -10.94
N HIS B 960 30.76 -2.21 -9.70
CA HIS B 960 29.34 -2.03 -9.40
C HIS B 960 28.72 -0.96 -10.28
N SER B 961 27.57 -1.28 -10.86
CA SER B 961 26.90 -0.34 -11.77
C SER B 961 26.38 0.88 -11.02
N ARG B 962 26.05 0.74 -9.75
CA ARG B 962 25.56 1.89 -8.99
C ARG B 962 26.71 2.87 -8.78
N PRO B 963 26.55 4.14 -9.15
CA PRO B 963 27.71 5.05 -9.17
C PRO B 963 28.40 5.21 -7.83
N TRP B 964 27.66 5.32 -6.73
CA TRP B 964 28.30 5.53 -5.44
C TRP B 964 29.10 4.30 -5.02
N ARG B 965 28.55 3.10 -5.26
CA ARG B 965 29.30 1.88 -4.99
C ARG B 965 30.54 1.81 -5.88
N ARG B 966 30.42 2.22 -7.14
CA ARG B 966 31.57 2.21 -8.04
C ARG B 966 32.67 3.11 -7.52
N ARG B 967 32.31 4.31 -7.05
CA ARG B 967 33.31 5.20 -6.45
C ARG B 967 33.90 4.57 -5.20
N GLU B 968 33.07 3.89 -4.40
CA GLU B 968 33.58 3.20 -3.22
C GLU B 968 34.52 2.07 -3.59
N GLY B 969 34.44 1.56 -4.82
CA GLY B 969 35.32 0.49 -5.27
C GLY B 969 34.75 -0.90 -5.19
N LYS B 970 33.44 -1.03 -4.94
CA LYS B 970 32.83 -2.35 -4.84
C LYS B 970 32.73 -3.00 -6.23
N ILE B 971 32.68 -4.33 -6.22
CA ILE B 971 32.58 -5.12 -7.44
C ILE B 971 31.33 -5.98 -7.35
N GLU B 972 30.57 -6.05 -8.44
CA GLU B 972 29.33 -6.80 -8.50
C GLU B 972 29.47 -7.97 -9.47
N LYS B 973 28.70 -9.02 -9.21
CA LYS B 973 28.63 -10.18 -10.09
C LYS B 973 27.42 -10.05 -11.01
N VAL B 974 27.62 -10.28 -12.30
CA VAL B 974 26.54 -10.13 -13.26
C VAL B 974 25.49 -11.20 -13.02
N HIS B 975 24.24 -10.78 -12.85
CA HIS B 975 23.13 -11.69 -12.64
C HIS B 975 22.28 -11.91 -13.88
N GLY B 976 22.16 -10.90 -14.74
CA GLY B 976 21.36 -11.02 -15.93
C GLY B 976 22.02 -11.71 -17.09
N LEU B 977 23.27 -12.15 -16.93
CA LEU B 977 24.01 -12.83 -17.98
C LEU B 977 24.16 -14.30 -17.60
N LEU B 978 23.79 -15.18 -18.53
CA LEU B 978 23.90 -16.61 -18.33
C LEU B 978 24.50 -17.25 -19.57
N GLY B 979 25.17 -18.39 -19.37
CA GLY B 979 25.81 -19.09 -20.46
C GLY B 979 25.68 -20.59 -20.29
N CYS B 980 25.75 -21.29 -21.42
CA CYS B 980 25.63 -22.74 -21.46
C CYS B 980 26.96 -23.34 -21.87
N THR B 981 27.46 -24.27 -21.06
CA THR B 981 28.72 -24.95 -21.32
C THR B 981 28.54 -26.22 -22.15
N ASN B 982 27.31 -26.57 -22.50
CA ASN B 982 27.05 -27.78 -23.27
C ASN B 982 27.79 -27.70 -24.60
N PRO B 983 28.64 -28.67 -24.96
CA PRO B 983 29.34 -28.59 -26.24
C PRO B 983 28.42 -28.50 -27.44
N ASN B 984 27.23 -29.12 -27.37
CA ASN B 984 26.32 -29.08 -28.51
C ASN B 984 25.91 -27.64 -28.83
N CYS B 985 25.62 -26.84 -27.80
CA CYS B 985 25.25 -25.45 -28.03
C CYS B 985 26.40 -24.62 -28.59
N LEU B 986 27.64 -25.07 -28.41
CA LEU B 986 28.80 -24.31 -28.85
C LEU B 986 29.14 -24.63 -30.31
N GLN B 987 30.02 -23.81 -30.87
CA GLN B 987 30.55 -24.01 -32.22
C GLN B 987 32.06 -24.01 -32.16
N GLN B 988 32.67 -24.76 -33.08
CA GLN B 988 34.12 -24.92 -33.06
C GLN B 988 34.84 -23.59 -33.26
N ALA B 989 34.22 -22.65 -33.98
CA ALA B 989 34.86 -21.38 -34.24
C ALA B 989 34.89 -20.47 -33.03
N TRP B 990 34.03 -20.71 -32.04
CA TRP B 990 33.97 -19.84 -30.87
C TRP B 990 35.21 -20.00 -30.00
N THR B 991 35.62 -18.89 -29.39
CA THR B 991 36.69 -18.88 -28.40
C THR B 991 36.19 -18.62 -26.99
N SER B 992 34.90 -18.27 -26.83
CA SER B 992 34.37 -17.97 -25.50
C SER B 992 34.24 -19.24 -24.66
N GLY B 993 33.85 -20.35 -25.28
CA GLY B 993 33.63 -21.59 -24.57
C GLY B 993 32.25 -21.76 -23.99
N MET B 994 31.35 -20.78 -24.18
CA MET B 994 29.99 -20.89 -23.70
C MET B 994 29.08 -20.07 -24.59
N ARG B 995 27.84 -20.52 -24.73
CA ARG B 995 26.81 -19.79 -25.48
C ARG B 995 26.15 -18.80 -24.53
N TYR B 996 26.51 -17.53 -24.67
CA TYR B 996 25.98 -16.51 -23.78
C TYR B 996 24.48 -16.33 -23.99
N TRP B 997 23.79 -15.94 -22.92
CA TRP B 997 22.35 -15.78 -22.93
C TRP B 997 21.96 -14.61 -22.04
N ASN B 998 20.79 -14.06 -22.30
CA ASN B 998 20.20 -13.01 -21.47
C ASN B 998 19.21 -13.66 -20.50
N ARG B 999 19.31 -13.29 -19.23
CA ARG B 999 18.44 -13.89 -18.22
C ARG B 999 16.98 -13.69 -18.57
N ASP B 1000 16.60 -12.47 -18.95
CA ASP B 1000 15.22 -12.20 -19.34
C ASP B 1000 14.85 -12.97 -20.60
N MET B 1001 15.75 -13.02 -21.58
CA MET B 1001 15.48 -13.79 -22.79
C MET B 1001 15.34 -15.27 -22.47
N LEU B 1002 16.20 -15.80 -21.59
CA LEU B 1002 16.08 -17.19 -21.20
C LEU B 1002 14.76 -17.46 -20.52
N SER B 1003 14.33 -16.57 -19.62
CA SER B 1003 13.06 -16.77 -18.94
C SER B 1003 11.90 -16.72 -19.92
N THR B 1004 11.94 -15.79 -20.88
CA THR B 1004 10.87 -15.71 -21.86
C THR B 1004 10.82 -16.96 -22.74
N CYS B 1005 11.99 -17.45 -23.17
CA CYS B 1005 12.01 -18.67 -23.98
C CYS B 1005 11.51 -19.86 -23.20
N ASN B 1006 11.90 -19.97 -21.93
CA ASN B 1006 11.41 -21.06 -21.10
C ASN B 1006 9.90 -20.96 -20.91
N MET B 1007 9.38 -19.75 -20.72
CA MET B 1007 7.94 -19.58 -20.60
C MET B 1007 7.23 -19.97 -21.89
N LEU B 1008 7.82 -19.62 -23.03
CA LEU B 1008 7.25 -20.02 -24.31
C LEU B 1008 7.21 -21.54 -24.43
N LEU B 1009 8.29 -22.21 -24.05
CA LEU B 1009 8.31 -23.67 -24.12
C LEU B 1009 7.27 -24.28 -23.18
N ILE B 1010 7.16 -23.73 -21.96
CA ILE B 1010 6.19 -24.24 -21.00
C ILE B 1010 4.77 -24.05 -21.53
N VAL B 1011 4.47 -22.88 -22.09
CA VAL B 1011 3.14 -22.61 -22.61
C VAL B 1011 2.83 -23.53 -23.78
N ARG B 1012 3.80 -23.75 -24.67
CA ARG B 1012 3.58 -24.66 -25.79
C ARG B 1012 3.33 -26.08 -25.29
N SER B 1013 4.08 -26.53 -24.30
CA SER B 1013 3.86 -27.86 -23.76
C SER B 1013 2.48 -27.98 -23.13
N MET B 1014 2.06 -26.95 -22.38
CA MET B 1014 0.74 -26.99 -21.75
C MET B 1014 -0.37 -27.01 -22.79
N LEU B 1015 -0.26 -26.16 -23.81
CA LEU B 1015 -1.28 -26.11 -24.85
C LEU B 1015 -1.30 -27.40 -25.66
N ASP B 1016 -0.12 -27.98 -25.92
CA ASP B 1016 -0.05 -29.25 -26.62
C ASP B 1016 -0.57 -30.41 -25.79
N GLY B 1017 -0.82 -30.19 -24.49
CA GLY B 1017 -1.33 -31.23 -23.62
C GLY B 1017 -0.27 -32.01 -22.87
N HIS B 1018 1.01 -31.75 -23.11
CA HIS B 1018 2.07 -32.47 -22.44
C HIS B 1018 2.38 -31.93 -21.05
N GLY B 1019 1.78 -30.81 -20.67
CA GLY B 1019 1.99 -30.25 -19.35
C GLY B 1019 3.32 -29.52 -19.24
N ARG B 1020 3.61 -29.08 -18.02
CA ARG B 1020 4.86 -28.37 -17.77
C ARG B 1020 6.04 -29.31 -17.95
N PRO B 1021 7.16 -28.84 -18.52
CA PRO B 1021 8.31 -29.74 -18.70
C PRO B 1021 8.83 -30.25 -17.36
N GLU B 1022 9.32 -31.49 -17.39
CA GLU B 1022 9.86 -32.08 -16.18
C GLU B 1022 11.09 -31.35 -15.66
N VAL B 1023 11.84 -30.70 -16.56
CA VAL B 1023 13.06 -30.03 -16.14
C VAL B 1023 12.76 -28.87 -15.21
N PHE B 1024 11.68 -28.13 -15.48
CA PHE B 1024 11.29 -27.02 -14.62
C PHE B 1024 10.47 -27.45 -13.41
N SER B 1025 10.09 -28.72 -13.34
CA SER B 1025 9.23 -29.18 -12.25
C SER B 1025 9.95 -29.09 -10.92
N ARG B 1026 9.16 -28.89 -9.86
CA ARG B 1026 9.69 -28.79 -8.51
C ARG B 1026 10.09 -30.16 -7.99
N SER B 1027 10.81 -30.16 -6.86
CA SER B 1027 11.26 -31.40 -6.24
C SER B 1027 10.07 -32.26 -5.84
#